data_3KPB
#
_entry.id   3KPB
#
_cell.length_a   46.987
_cell.length_b   49.704
_cell.length_c   59.120
_cell.angle_alpha   80.11
_cell.angle_beta   75.85
_cell.angle_gamma   64.04
#
_symmetry.space_group_name_H-M   'P 1'
#
loop_
_entity.id
_entity.type
_entity.pdbx_description
1 polymer 'Uncharacterized protein MJ0100'
2 non-polymer S-ADENOSYLMETHIONINE
3 non-polymer GLYCEROL
4 water water
#
_entity_poly.entity_id   1
_entity_poly.type   'polypeptide(L)'
_entity_poly.pdbx_seq_one_letter_code
;TLVKDILSKPPITAHSNISIMEAAKILIKHNINHLPIVDEHGKLVGIITSWDIAKALAQNKKTIEEIMTRNVITAHEDEP
VDHVAIKMSKYNISGVPVVDDYRRVVGIVTSEDISRLFGGKK
;
_entity_poly.pdbx_strand_id   A,C,B,D
#
loop_
_chem_comp.id
_chem_comp.type
_chem_comp.name
_chem_comp.formula
GOL non-polymer GLYCEROL 'C3 H8 O3'
SAM non-polymer S-ADENOSYLMETHIONINE 'C15 H22 N6 O5 S'
#
# COMPACT_ATOMS: atom_id res chain seq x y z
N THR A 1 -29.96 -18.24 6.97
CA THR A 1 -28.71 -19.02 7.14
C THR A 1 -27.98 -18.55 8.39
N LEU A 2 -28.15 -19.25 9.50
CA LEU A 2 -27.36 -18.95 10.69
C LEU A 2 -26.00 -19.67 10.62
N VAL A 3 -25.12 -19.37 11.58
CA VAL A 3 -23.80 -19.99 11.64
C VAL A 3 -23.83 -21.40 12.24
N LYS A 4 -24.45 -21.55 13.41
CA LYS A 4 -24.50 -22.82 14.16
C LYS A 4 -25.03 -23.96 13.28
N ASP A 5 -25.73 -23.53 12.23
CA ASP A 5 -26.33 -24.36 11.18
C ASP A 5 -25.31 -24.97 10.22
N ILE A 6 -24.34 -24.16 9.81
CA ILE A 6 -23.44 -24.53 8.72
C ILE A 6 -22.14 -25.17 9.20
N LEU A 7 -21.99 -25.25 10.53
CA LEU A 7 -20.87 -25.93 11.13
C LEU A 7 -20.95 -27.42 10.87
N SER A 8 -19.86 -27.99 10.37
CA SER A 8 -19.88 -29.36 9.86
C SER A 8 -18.93 -30.31 10.60
N LYS A 9 -18.04 -29.75 11.42
CA LYS A 9 -16.97 -30.53 12.01
C LYS A 9 -16.59 -29.96 13.36
N PRO A 10 -15.86 -30.74 14.20
CA PRO A 10 -15.45 -30.26 15.52
C PRO A 10 -14.49 -29.08 15.44
N PRO A 11 -14.46 -28.24 16.49
CA PRO A 11 -13.46 -27.19 16.55
C PRO A 11 -12.07 -27.77 16.79
N ILE A 12 -11.04 -27.13 16.24
CA ILE A 12 -9.66 -27.49 16.54
C ILE A 12 -9.03 -26.27 17.19
N THR A 13 -8.60 -26.43 18.45
CA THR A 13 -8.02 -25.33 19.23
C THR A 13 -6.70 -25.78 19.85
N ALA A 14 -5.99 -24.83 20.45
CA ALA A 14 -4.74 -25.10 21.15
C ALA A 14 -4.62 -24.20 22.36
N HIS A 15 -3.78 -24.61 23.31
CA HIS A 15 -3.47 -23.76 24.46
C HIS A 15 -2.34 -22.78 24.15
N SER A 16 -2.23 -21.71 24.93
CA SER A 16 -1.28 -20.64 24.63
C SER A 16 0.16 -20.94 25.05
N ASN A 17 0.33 -21.91 25.94
CA ASN A 17 1.65 -22.24 26.49
C ASN A 17 2.55 -23.04 25.53
N ILE A 18 2.02 -23.44 24.39
CA ILE A 18 2.75 -24.32 23.48
C ILE A 18 3.81 -23.57 22.65
N SER A 19 4.81 -24.31 22.18
CA SER A 19 5.86 -23.75 21.33
C SER A 19 5.33 -23.36 19.95
N ILE A 20 6.10 -22.50 19.28
CA ILE A 20 5.78 -22.13 17.89
C ILE A 20 5.80 -23.36 16.97
N MET A 21 6.79 -24.22 17.15
CA MET A 21 6.88 -25.48 16.39
C MET A 21 5.65 -26.39 16.60
N GLU A 22 5.20 -26.53 17.86
CA GLU A 22 4.02 -27.36 18.14
C GLU A 22 2.80 -26.79 17.41
N ALA A 23 2.62 -25.48 17.46
CA ALA A 23 1.51 -24.83 16.75
C ALA A 23 1.56 -25.08 15.24
N ALA A 24 2.76 -24.97 14.66
CA ALA A 24 2.96 -25.20 13.23
C ALA A 24 2.59 -26.64 12.88
N LYS A 25 3.00 -27.59 13.73
CA LYS A 25 2.64 -28.98 13.53
C LYS A 25 1.13 -29.19 13.51
N ILE A 26 0.41 -28.46 14.36
CA ILE A 26 -1.05 -28.56 14.41
C ILE A 26 -1.68 -28.05 13.10
N LEU A 27 -1.21 -26.90 12.61
CA LEU A 27 -1.69 -26.38 11.32
C LEU A 27 -1.50 -27.40 10.19
N ILE A 28 -0.31 -27.97 10.10
CA ILE A 28 0.04 -28.89 9.02
C ILE A 28 -0.77 -30.18 9.15
N LYS A 29 -0.85 -30.73 10.38
CA LYS A 29 -1.58 -31.97 10.62
C LYS A 29 -3.04 -31.90 10.17
N HIS A 30 -3.71 -30.82 10.52
CA HIS A 30 -5.12 -30.70 10.21
C HIS A 30 -5.39 -30.00 8.89
N ASN A 31 -4.33 -29.54 8.23
CA ASN A 31 -4.41 -28.72 7.02
C ASN A 31 -5.31 -27.50 7.21
N ILE A 32 -5.04 -26.75 8.27
CA ILE A 32 -5.81 -25.55 8.58
C ILE A 32 -4.91 -24.34 8.67
N ASN A 33 -5.48 -23.16 8.39
CA ASN A 33 -4.70 -21.93 8.58
C ASN A 33 -5.22 -21.04 9.69
N HIS A 34 -6.18 -21.53 10.47
CA HIS A 34 -6.73 -20.76 11.59
C HIS A 34 -6.80 -21.66 12.80
N LEU A 35 -6.16 -21.22 13.87
CA LEU A 35 -6.11 -21.99 15.10
C LEU A 35 -6.49 -21.09 16.27
N PRO A 36 -7.76 -21.16 16.72
CA PRO A 36 -8.18 -20.43 17.91
C PRO A 36 -7.40 -20.92 19.12
N ILE A 37 -6.98 -19.99 19.97
CA ILE A 37 -6.23 -20.33 21.17
C ILE A 37 -7.16 -20.16 22.37
N VAL A 38 -7.21 -21.18 23.21
CA VAL A 38 -8.09 -21.16 24.38
C VAL A 38 -7.27 -21.29 25.66
N ASP A 39 -7.83 -20.79 26.76
CA ASP A 39 -7.18 -20.95 28.04
C ASP A 39 -7.47 -22.34 28.62
N GLU A 40 -6.95 -22.58 29.83
CA GLU A 40 -7.05 -23.89 30.46
C GLU A 40 -8.51 -24.27 30.78
N HIS A 41 -9.41 -23.29 30.62
CA HIS A 41 -10.83 -23.55 30.80
C HIS A 41 -11.64 -23.63 29.49
N GLY A 42 -10.95 -23.63 28.34
CA GLY A 42 -11.63 -23.77 27.04
C GLY A 42 -12.17 -22.47 26.48
N LYS A 43 -11.81 -21.37 27.10
CA LYS A 43 -12.30 -20.05 26.68
C LYS A 43 -11.32 -19.35 25.76
N LEU A 44 -11.88 -18.71 24.72
CA LEU A 44 -11.07 -18.06 23.69
C LEU A 44 -10.19 -16.92 24.24
N VAL A 45 -8.91 -16.96 23.91
CA VAL A 45 -7.96 -15.91 24.30
C VAL A 45 -7.15 -15.35 23.12
N GLY A 46 -7.20 -16.00 21.97
CA GLY A 46 -6.43 -15.52 20.83
C GLY A 46 -6.62 -16.32 19.57
N ILE A 47 -5.92 -15.93 18.51
CA ILE A 47 -5.92 -16.70 17.27
C ILE A 47 -4.52 -16.72 16.62
N ILE A 48 -4.19 -17.83 15.97
CA ILE A 48 -2.93 -18.02 15.25
C ILE A 48 -3.23 -18.40 13.81
N THR A 49 -2.48 -17.84 12.85
CA THR A 49 -2.46 -18.33 11.46
C THR A 49 -1.00 -18.58 11.08
N SER A 50 -0.75 -19.10 9.88
CA SER A 50 0.65 -19.27 9.46
C SER A 50 1.42 -17.94 9.44
N TRP A 51 0.71 -16.83 9.23
CA TRP A 51 1.36 -15.52 9.29
C TRP A 51 2.00 -15.30 10.67
N ASP A 52 1.28 -15.67 11.72
CA ASP A 52 1.81 -15.52 13.08
C ASP A 52 2.98 -16.45 13.38
N ILE A 53 3.02 -17.61 12.74
CA ILE A 53 4.20 -18.49 12.85
C ILE A 53 5.43 -17.76 12.29
N ALA A 54 5.30 -17.20 11.09
CA ALA A 54 6.36 -16.38 10.51
C ALA A 54 6.72 -15.20 11.41
N LYS A 55 5.72 -14.52 11.96
CA LYS A 55 5.96 -13.36 12.82
C LYS A 55 6.72 -13.77 14.09
N ALA A 56 6.35 -14.92 14.67
CA ALA A 56 7.03 -15.46 15.86
C ALA A 56 8.51 -15.72 15.60
N LEU A 57 8.81 -16.35 14.46
CA LEU A 57 10.19 -16.57 14.03
C LEU A 57 10.94 -15.25 13.84
N ALA A 58 10.28 -14.25 13.23
CA ALA A 58 10.92 -12.95 12.98
C ALA A 58 11.21 -12.16 14.25
N GLN A 59 10.35 -12.32 15.26
CA GLN A 59 10.44 -11.60 16.54
C GLN A 59 11.11 -12.43 17.65
N ASN A 60 11.57 -13.64 17.29
CA ASN A 60 12.23 -14.56 18.22
C ASN A 60 11.41 -14.94 19.47
N LYS A 61 10.11 -15.16 19.24
CA LYS A 61 9.20 -15.58 20.31
C LYS A 61 9.22 -17.09 20.46
N LYS A 62 9.12 -17.58 21.69
CA LYS A 62 9.16 -19.02 21.96
C LYS A 62 7.79 -19.69 22.10
N THR A 63 6.79 -18.97 22.60
CA THR A 63 5.47 -19.56 22.83
C THR A 63 4.38 -18.80 22.08
N ILE A 64 3.28 -19.50 21.83
CA ILE A 64 2.12 -18.95 21.14
C ILE A 64 1.57 -17.73 21.87
N GLU A 65 1.59 -17.76 23.19
CA GLU A 65 0.96 -16.65 23.85
C GLU A 65 1.68 -15.31 23.64
N GLU A 66 2.96 -15.37 23.27
CA GLU A 66 3.73 -14.16 22.98
C GLU A 66 3.45 -13.55 21.61
N ILE A 67 2.76 -14.30 20.75
CA ILE A 67 2.55 -13.85 19.38
C ILE A 67 1.09 -13.85 18.93
N MET A 68 0.23 -14.58 19.64
CA MET A 68 -1.15 -14.72 19.18
C MET A 68 -1.84 -13.37 19.06
N THR A 69 -2.77 -13.26 18.11
CA THR A 69 -3.56 -12.05 17.98
C THR A 69 -4.64 -12.10 19.06
N ARG A 70 -4.67 -11.07 19.91
CA ARG A 70 -5.54 -11.08 21.08
C ARG A 70 -6.91 -10.44 20.87
N ASN A 71 -7.01 -9.52 19.90
CA ASN A 71 -8.29 -8.96 19.52
C ASN A 71 -8.89 -9.81 18.40
N VAL A 72 -9.62 -10.85 18.80
CA VAL A 72 -10.14 -11.80 17.84
C VAL A 72 -11.50 -11.36 17.31
N ILE A 73 -11.61 -11.34 15.99
CA ILE A 73 -12.88 -11.13 15.32
C ILE A 73 -13.60 -12.47 15.26
N THR A 74 -14.78 -12.52 15.87
CA THR A 74 -15.51 -13.76 16.07
C THR A 74 -16.90 -13.67 15.51
N ALA A 75 -17.54 -14.83 15.39
CA ALA A 75 -18.95 -14.93 15.07
C ALA A 75 -19.67 -15.64 16.18
N HIS A 76 -20.95 -15.34 16.34
CA HIS A 76 -21.73 -15.99 17.37
C HIS A 76 -22.45 -17.14 16.73
N GLU A 77 -22.65 -18.19 17.51
CA GLU A 77 -23.37 -19.36 17.01
C GLU A 77 -24.73 -18.97 16.43
N ASP A 78 -25.41 -18.00 17.04
CA ASP A 78 -26.72 -17.54 16.55
C ASP A 78 -26.66 -16.41 15.50
N GLU A 79 -25.46 -16.04 15.05
CA GLU A 79 -25.28 -14.97 14.06
C GLU A 79 -25.60 -15.44 12.63
N PRO A 80 -26.25 -14.57 11.81
CA PRO A 80 -26.44 -14.83 10.37
C PRO A 80 -25.14 -14.84 9.53
N VAL A 81 -25.07 -15.79 8.59
CA VAL A 81 -23.89 -15.99 7.71
C VAL A 81 -23.47 -14.76 6.91
N ASP A 82 -24.44 -14.01 6.37
CA ASP A 82 -24.15 -12.82 5.59
C ASP A 82 -23.34 -11.78 6.39
N HIS A 83 -23.68 -11.64 7.67
CA HIS A 83 -22.99 -10.70 8.56
C HIS A 83 -21.52 -11.11 8.73
N VAL A 84 -21.29 -12.43 8.78
CA VAL A 84 -19.94 -13.01 8.88
C VAL A 84 -19.14 -12.75 7.63
N ALA A 85 -19.75 -13.00 6.47
CA ALA A 85 -19.13 -12.64 5.19
C ALA A 85 -18.72 -11.16 5.14
N ILE A 86 -19.60 -10.28 5.57
CA ILE A 86 -19.27 -8.84 5.59
C ILE A 86 -18.12 -8.52 6.54
N LYS A 87 -18.13 -9.13 7.73
CA LYS A 87 -17.05 -9.02 8.71
C LYS A 87 -15.71 -9.39 8.08
N MET A 88 -15.72 -10.46 7.31
CA MET A 88 -14.49 -10.95 6.72
C MET A 88 -13.96 -10.05 5.60
N SER A 89 -14.86 -9.48 4.79
CA SER A 89 -14.44 -8.47 3.81
C SER A 89 -13.96 -7.17 4.48
N LYS A 90 -14.64 -6.75 5.54
CA LYS A 90 -14.32 -5.51 6.24
C LYS A 90 -12.93 -5.54 6.90
N TYR A 91 -12.60 -6.64 7.55
CA TYR A 91 -11.32 -6.77 8.25
C TYR A 91 -10.27 -7.48 7.42
N ASN A 92 -10.65 -7.89 6.21
CA ASN A 92 -9.77 -8.62 5.29
C ASN A 92 -9.17 -9.85 5.97
N ILE A 93 -10.06 -10.64 6.56
CA ILE A 93 -9.70 -11.92 7.17
C ILE A 93 -10.43 -13.05 6.46
N SER A 94 -9.97 -14.28 6.66
CA SER A 94 -10.49 -15.43 5.94
C SER A 94 -11.01 -16.54 6.85
N GLY A 95 -10.97 -16.31 8.17
CA GLY A 95 -11.50 -17.27 9.14
C GLY A 95 -11.90 -16.59 10.42
N VAL A 96 -13.06 -16.95 10.96
CA VAL A 96 -13.49 -16.42 12.26
C VAL A 96 -13.89 -17.57 13.17
N PRO A 97 -13.36 -17.58 14.40
CA PRO A 97 -13.83 -18.53 15.40
C PRO A 97 -15.29 -18.25 15.73
N VAL A 98 -16.05 -19.31 15.98
CA VAL A 98 -17.44 -19.21 16.38
C VAL A 98 -17.48 -19.46 17.89
N VAL A 99 -18.05 -18.52 18.64
CA VAL A 99 -18.09 -18.59 20.09
C VAL A 99 -19.53 -18.60 20.60
N ASP A 100 -19.72 -19.11 21.81
CA ASP A 100 -21.00 -19.00 22.49
C ASP A 100 -20.97 -17.86 23.53
N ASP A 101 -22.05 -17.74 24.30
CA ASP A 101 -22.17 -16.67 25.31
C ASP A 101 -21.17 -16.80 26.47
N TYR A 102 -20.54 -17.95 26.63
CA TYR A 102 -19.55 -18.16 27.69
C TYR A 102 -18.11 -18.11 27.16
N ARG A 103 -17.98 -17.74 25.89
CA ARG A 103 -16.69 -17.60 25.20
C ARG A 103 -15.99 -18.94 24.87
N ARG A 104 -16.75 -20.03 24.89
CA ARG A 104 -16.26 -21.32 24.41
C ARG A 104 -16.21 -21.32 22.88
N VAL A 105 -15.22 -22.01 22.31
CA VAL A 105 -15.10 -22.07 20.86
C VAL A 105 -15.92 -23.25 20.33
N VAL A 106 -16.95 -22.97 19.55
CA VAL A 106 -17.84 -24.05 19.07
C VAL A 106 -17.48 -24.52 17.67
N GLY A 107 -16.72 -23.69 16.95
CA GLY A 107 -16.25 -24.03 15.61
C GLY A 107 -15.51 -22.89 14.96
N ILE A 108 -15.29 -23.00 13.66
CA ILE A 108 -14.70 -21.93 12.88
C ILE A 108 -15.33 -21.88 11.50
N VAL A 109 -15.49 -20.67 10.99
CA VAL A 109 -16.03 -20.43 9.65
C VAL A 109 -14.96 -19.76 8.78
N THR A 110 -14.72 -20.33 7.60
CA THR A 110 -13.76 -19.76 6.66
C THR A 110 -14.44 -19.14 5.45
N SER A 111 -13.67 -18.35 4.70
CA SER A 111 -14.12 -17.70 3.47
C SER A 111 -14.28 -18.71 2.33
N GLU A 112 -13.79 -19.93 2.54
CA GLU A 112 -14.03 -21.03 1.61
C GLU A 112 -15.34 -21.70 1.98
N ASP A 113 -15.59 -21.83 3.28
CA ASP A 113 -16.86 -22.34 3.79
C ASP A 113 -18.01 -21.47 3.25
N ILE A 114 -17.78 -20.15 3.25
CA ILE A 114 -18.72 -19.15 2.72
C ILE A 114 -18.80 -19.18 1.17
N SER A 115 -17.64 -19.23 0.51
CA SER A 115 -17.56 -19.34 -0.95
CA SER A 115 -17.60 -19.31 -0.95
C SER A 115 -18.52 -20.40 -1.49
N ARG A 116 -18.70 -21.47 -0.72
CA ARG A 116 -19.62 -22.54 -1.09
C ARG A 116 -21.06 -22.08 -1.03
N LEU A 117 -21.41 -21.44 0.08
CA LEU A 117 -22.80 -21.00 0.33
C LEU A 117 -23.30 -19.89 -0.60
N PHE A 118 -22.38 -19.25 -1.33
CA PHE A 118 -22.76 -18.25 -2.34
C PHE A 118 -22.67 -18.78 -3.78
N GLY A 119 -21.91 -19.86 -3.98
CA GLY A 119 -21.75 -20.49 -5.29
C GLY A 119 -21.63 -22.00 -5.21
N THR B 1 23.49 24.70 -19.10
CA THR B 1 23.99 24.85 -17.69
C THR B 1 23.85 23.54 -16.90
N LEU B 2 24.84 23.27 -16.06
CA LEU B 2 24.91 22.01 -15.29
C LEU B 2 24.06 22.11 -14.03
N VAL B 3 23.43 21.00 -13.66
CA VAL B 3 22.57 20.96 -12.47
C VAL B 3 23.24 21.50 -11.21
N LYS B 4 24.50 21.11 -10.98
CA LYS B 4 25.18 21.50 -9.75
C LYS B 4 25.31 23.01 -9.58
N ASP B 5 25.37 23.73 -10.70
CA ASP B 5 25.54 25.19 -10.65
C ASP B 5 24.28 25.94 -10.25
N ILE B 6 23.12 25.32 -10.44
CA ILE B 6 21.86 26.01 -10.12
C ILE B 6 21.33 25.64 -8.72
N LEU B 7 22.06 24.77 -8.03
CA LEU B 7 21.79 24.45 -6.63
C LEU B 7 22.38 25.52 -5.71
N SER B 8 21.70 25.84 -4.61
CA SER B 8 22.20 26.86 -3.68
C SER B 8 22.27 26.41 -2.21
N LYS B 9 21.62 25.28 -1.95
CA LYS B 9 21.27 24.82 -0.60
C LYS B 9 21.67 23.37 -0.48
N PRO B 10 22.20 22.95 0.69
CA PRO B 10 22.27 21.53 0.96
C PRO B 10 20.88 20.91 0.98
N PRO B 11 20.75 19.66 0.55
CA PRO B 11 19.43 19.04 0.57
C PRO B 11 19.01 18.69 1.99
N ILE B 12 17.70 18.75 2.21
CA ILE B 12 17.11 18.28 3.45
C ILE B 12 16.79 16.80 3.21
N THR B 13 17.33 15.95 4.08
CA THR B 13 17.17 14.50 3.94
C THR B 13 16.79 13.88 5.28
N ALA B 14 16.41 12.60 5.23
CA ALA B 14 16.11 11.85 6.44
C ALA B 14 16.55 10.39 6.30
N HIS B 15 16.69 9.70 7.43
CA HIS B 15 16.91 8.25 7.43
C HIS B 15 15.57 7.52 7.42
N SER B 16 15.59 6.22 7.11
CA SER B 16 14.36 5.47 6.88
C SER B 16 13.67 4.96 8.15
N ASN B 17 14.39 5.03 9.26
CA ASN B 17 13.94 4.50 10.54
C ASN B 17 12.91 5.36 11.27
N ILE B 18 12.63 6.55 10.74
CA ILE B 18 11.79 7.52 11.43
C ILE B 18 10.30 7.24 11.18
N SER B 19 9.46 7.72 12.08
CA SER B 19 8.02 7.53 11.98
C SER B 19 7.41 8.37 10.86
N ILE B 20 6.20 8.00 10.46
CA ILE B 20 5.44 8.77 9.46
C ILE B 20 5.18 10.19 9.95
N MET B 21 4.84 10.34 11.23
CA MET B 21 4.60 11.68 11.79
C MET B 21 5.84 12.55 11.74
N GLU B 22 7.00 11.97 12.08
CA GLU B 22 8.25 12.73 12.00
C GLU B 22 8.53 13.19 10.57
N ALA B 23 8.33 12.31 9.59
CA ALA B 23 8.49 12.68 8.19
C ALA B 23 7.55 13.82 7.78
N ALA B 24 6.29 13.72 8.18
CA ALA B 24 5.32 14.77 7.91
C ALA B 24 5.76 16.11 8.52
N LYS B 25 6.29 16.06 9.75
CA LYS B 25 6.78 17.28 10.39
C LYS B 25 7.91 17.94 9.60
N ILE B 26 8.80 17.13 9.04
CA ILE B 26 9.89 17.65 8.21
C ILE B 26 9.35 18.37 6.97
N LEU B 27 8.38 17.76 6.28
CA LEU B 27 7.78 18.39 5.11
C LEU B 27 7.18 19.75 5.45
N ILE B 28 6.40 19.80 6.52
CA ILE B 28 5.72 21.04 6.90
C ILE B 28 6.70 22.13 7.39
N LYS B 29 7.68 21.70 8.18
CA LYS B 29 8.69 22.60 8.76
C LYS B 29 9.45 23.35 7.66
N HIS B 30 9.82 22.63 6.60
CA HIS B 30 10.64 23.20 5.53
C HIS B 30 9.87 23.61 4.27
N ASN B 31 8.54 23.43 4.30
CA ASN B 31 7.68 23.72 3.16
C ASN B 31 8.19 22.99 1.90
N ILE B 32 8.47 21.70 2.05
CA ILE B 32 8.96 20.87 0.94
C ILE B 32 8.03 19.69 0.77
N ASN B 33 7.88 19.22 -0.46
CA ASN B 33 7.07 18.04 -0.73
C ASN B 33 7.92 16.86 -1.18
N HIS B 34 9.24 17.02 -1.13
CA HIS B 34 10.16 15.96 -1.53
C HIS B 34 11.23 15.77 -0.49
N LEU B 35 11.33 14.57 0.06
CA LEU B 35 12.30 14.26 1.10
C LEU B 35 13.07 13.02 0.68
N PRO B 36 14.28 13.22 0.14
CA PRO B 36 15.15 12.08 -0.15
C PRO B 36 15.50 11.34 1.15
N ILE B 37 15.44 10.01 1.09
CA ILE B 37 15.78 9.17 2.22
C ILE B 37 17.17 8.59 1.96
N VAL B 38 18.04 8.66 2.97
CA VAL B 38 19.45 8.28 2.80
C VAL B 38 19.92 7.29 3.86
N ASP B 39 20.96 6.53 3.54
CA ASP B 39 21.55 5.61 4.52
C ASP B 39 22.53 6.35 5.45
N GLU B 40 23.26 5.62 6.28
CA GLU B 40 24.20 6.27 7.23
C GLU B 40 25.38 6.98 6.58
N HIS B 41 25.63 6.70 5.31
CA HIS B 41 26.71 7.35 4.56
C HIS B 41 26.19 8.42 3.61
N GLY B 42 24.92 8.77 3.75
CA GLY B 42 24.32 9.83 2.95
C GLY B 42 23.90 9.39 1.55
N LYS B 43 23.87 8.09 1.31
CA LYS B 43 23.51 7.54 -0.01
C LYS B 43 22.01 7.34 -0.15
N LEU B 44 21.46 7.72 -1.31
CA LEU B 44 20.04 7.65 -1.57
C LEU B 44 19.50 6.23 -1.54
N VAL B 45 18.44 6.02 -0.75
CA VAL B 45 17.75 4.73 -0.69
C VAL B 45 16.26 4.82 -1.01
N GLY B 46 15.71 6.03 -1.06
CA GLY B 46 14.27 6.19 -1.29
C GLY B 46 13.86 7.64 -1.36
N ILE B 47 12.56 7.87 -1.60
CA ILE B 47 11.98 9.22 -1.56
C ILE B 47 10.57 9.19 -0.95
N ILE B 48 10.26 10.26 -0.24
CA ILE B 48 8.95 10.49 0.38
C ILE B 48 8.39 11.81 -0.14
N THR B 49 7.11 11.79 -0.49
CA THR B 49 6.32 13.01 -0.69
C THR B 49 5.08 12.94 0.22
N SER B 50 4.28 14.01 0.26
CA SER B 50 3.05 13.97 1.07
C SER B 50 2.10 12.87 0.60
N TRP B 51 2.17 12.49 -0.68
CA TRP B 51 1.41 11.35 -1.19
C TRP B 51 1.72 10.10 -0.38
N ASP B 52 3.01 9.87 -0.12
CA ASP B 52 3.42 8.69 0.64
C ASP B 52 3.01 8.74 2.10
N ILE B 53 2.96 9.94 2.66
CA ILE B 53 2.41 10.13 4.01
C ILE B 53 0.93 9.70 4.05
N ALA B 54 0.16 10.16 3.07
CA ALA B 54 -1.25 9.76 2.94
C ALA B 54 -1.39 8.23 2.80
N LYS B 55 -0.54 7.65 1.94
CA LYS B 55 -0.55 6.22 1.68
C LYS B 55 -0.21 5.41 2.93
N ALA B 56 0.77 5.90 3.70
CA ALA B 56 1.14 5.26 4.95
C ALA B 56 0.00 5.27 5.96
N LEU B 57 -0.70 6.40 6.06
CA LEU B 57 -1.82 6.51 6.99
C LEU B 57 -2.95 5.56 6.58
N ALA B 58 -3.23 5.51 5.28
CA ALA B 58 -4.27 4.65 4.72
C ALA B 58 -4.00 3.16 4.96
N GLN B 59 -2.73 2.78 4.88
CA GLN B 59 -2.30 1.37 4.91
C GLN B 59 -1.65 0.99 6.24
N ASN B 60 -1.88 1.85 7.24
CA ASN B 60 -1.26 1.83 8.57
C ASN B 60 0.16 1.27 8.70
N LYS B 61 1.02 1.93 7.94
CA LYS B 61 2.45 1.73 7.98
C LYS B 61 2.96 2.70 9.01
N LYS B 62 4.03 2.31 9.71
CA LYS B 62 4.53 3.10 10.82
C LYS B 62 5.83 3.84 10.59
N THR B 63 6.66 3.33 9.68
CA THR B 63 7.96 3.94 9.41
C THR B 63 8.13 4.30 7.94
N ILE B 64 9.02 5.26 7.69
CA ILE B 64 9.37 5.68 6.33
C ILE B 64 9.85 4.52 5.47
N GLU B 65 10.66 3.64 6.05
CA GLU B 65 11.16 2.47 5.35
C GLU B 65 10.03 1.66 4.69
N GLU B 66 8.90 1.55 5.38
CA GLU B 66 7.76 0.75 4.93
C GLU B 66 7.01 1.34 3.74
N ILE B 67 7.14 2.64 3.50
CA ILE B 67 6.33 3.32 2.49
C ILE B 67 7.12 4.10 1.43
N MET B 68 8.41 4.34 1.66
CA MET B 68 9.21 5.12 0.72
C MET B 68 9.26 4.47 -0.68
N THR B 69 9.27 5.31 -1.71
CA THR B 69 9.46 4.84 -3.07
C THR B 69 10.93 4.50 -3.27
N ARG B 70 11.22 3.24 -3.59
CA ARG B 70 12.60 2.76 -3.66
C ARG B 70 13.22 2.94 -5.04
N ASN B 71 12.38 3.00 -6.07
CA ASN B 71 12.84 3.26 -7.43
C ASN B 71 12.76 4.76 -7.70
N VAL B 72 13.87 5.45 -7.45
CA VAL B 72 13.87 6.92 -7.47
C VAL B 72 14.47 7.44 -8.76
N ILE B 73 13.73 8.32 -9.41
CA ILE B 73 14.17 9.04 -10.60
C ILE B 73 15.06 10.19 -10.12
N THR B 74 16.31 10.18 -10.56
CA THR B 74 17.35 11.09 -10.07
C THR B 74 18.03 11.84 -11.21
N ALA B 75 18.76 12.90 -10.86
CA ALA B 75 19.63 13.57 -11.81
C ALA B 75 21.06 13.53 -11.27
N HIS B 76 22.03 13.43 -12.16
CA HIS B 76 23.43 13.53 -11.77
C HIS B 76 23.86 15.00 -11.74
N GLU B 77 24.76 15.34 -10.82
CA GLU B 77 25.17 16.74 -10.64
C GLU B 77 25.79 17.39 -11.88
N ASP B 78 26.32 16.57 -12.79
CA ASP B 78 26.93 17.07 -14.04
C ASP B 78 25.97 17.14 -15.23
N GLU B 79 24.73 16.71 -15.03
CA GLU B 79 23.73 16.70 -16.11
C GLU B 79 23.27 18.10 -16.48
N PRO B 80 23.05 18.35 -17.79
CA PRO B 80 22.45 19.63 -18.15
C PRO B 80 21.06 19.77 -17.51
N VAL B 81 20.71 20.97 -17.07
CA VAL B 81 19.44 21.13 -16.37
C VAL B 81 18.21 20.93 -17.29
N ASP B 82 18.32 21.17 -18.60
CA ASP B 82 17.19 20.90 -19.51
C ASP B 82 16.90 19.42 -19.55
N HIS B 83 17.95 18.60 -19.48
CA HIS B 83 17.77 17.16 -19.48
C HIS B 83 16.90 16.74 -18.27
N VAL B 84 17.07 17.43 -17.13
CA VAL B 84 16.24 17.23 -15.93
C VAL B 84 14.79 17.67 -16.12
N ALA B 85 14.60 18.81 -16.78
CA ALA B 85 13.26 19.27 -17.14
C ALA B 85 12.51 18.22 -17.97
N ILE B 86 13.20 17.61 -18.93
CA ILE B 86 12.62 16.56 -19.77
C ILE B 86 12.25 15.32 -18.95
N LYS B 87 13.18 14.90 -18.09
CA LYS B 87 12.98 13.75 -17.22
C LYS B 87 11.73 13.91 -16.33
N MET B 88 11.50 15.13 -15.84
CA MET B 88 10.33 15.40 -14.99
C MET B 88 8.99 15.38 -15.73
N SER B 89 8.98 15.93 -16.95
CA SER B 89 7.77 15.89 -17.79
C SER B 89 7.43 14.47 -18.21
N LYS B 90 8.46 13.69 -18.52
CA LYS B 90 8.32 12.29 -18.93
C LYS B 90 7.64 11.45 -17.87
N TYR B 91 8.08 11.59 -16.63
CA TYR B 91 7.57 10.76 -15.55
C TYR B 91 6.46 11.43 -14.73
N ASN B 92 6.03 12.63 -15.14
CA ASN B 92 5.04 13.40 -14.39
C ASN B 92 5.39 13.49 -12.91
N ILE B 93 6.61 13.96 -12.64
CA ILE B 93 7.08 14.17 -11.27
C ILE B 93 7.46 15.64 -11.09
N SER B 94 7.58 16.05 -9.83
CA SER B 94 7.79 17.47 -9.51
C SER B 94 9.03 17.69 -8.66
N GLY B 95 9.81 16.64 -8.43
CA GLY B 95 11.04 16.73 -7.65
C GLY B 95 12.00 15.60 -7.97
N VAL B 96 13.27 15.91 -8.18
CA VAL B 96 14.29 14.94 -8.57
C VAL B 96 15.55 15.13 -7.69
N PRO B 97 15.88 14.13 -6.83
CA PRO B 97 17.13 14.23 -6.06
C PRO B 97 18.34 14.29 -6.99
N VAL B 98 19.32 15.10 -6.62
CA VAL B 98 20.56 15.18 -7.36
C VAL B 98 21.63 14.38 -6.63
N VAL B 99 22.31 13.50 -7.36
CA VAL B 99 23.34 12.64 -6.79
C VAL B 99 24.69 12.89 -7.46
N ASP B 100 25.75 12.53 -6.74
CA ASP B 100 27.09 12.48 -7.32
C ASP B 100 27.40 11.08 -7.87
N ASP B 101 28.67 10.85 -8.24
CA ASP B 101 29.08 9.55 -8.82
C ASP B 101 28.86 8.35 -7.88
N TYR B 102 28.73 8.62 -6.58
CA TYR B 102 28.63 7.54 -5.58
C TYR B 102 27.33 7.54 -4.78
N ARG B 103 26.28 8.02 -5.43
CA ARG B 103 24.93 7.98 -4.88
C ARG B 103 24.68 8.92 -3.69
N ARG B 104 25.63 9.81 -3.35
CA ARG B 104 25.34 10.78 -2.27
C ARG B 104 24.38 11.84 -2.77
N VAL B 105 23.39 12.15 -1.95
CA VAL B 105 22.45 13.21 -2.29
C VAL B 105 23.09 14.58 -2.07
N VAL B 106 23.23 15.34 -3.14
CA VAL B 106 23.86 16.68 -3.08
C VAL B 106 22.89 17.85 -3.29
N GLY B 107 21.65 17.53 -3.66
CA GLY B 107 20.62 18.56 -3.83
C GLY B 107 19.31 17.96 -4.31
N ILE B 108 18.37 18.84 -4.61
CA ILE B 108 17.11 18.44 -5.23
C ILE B 108 16.65 19.57 -6.15
N VAL B 109 16.05 19.19 -7.29
CA VAL B 109 15.49 20.18 -8.22
C VAL B 109 13.99 19.94 -8.27
N THR B 110 13.20 20.99 -8.11
CA THR B 110 11.75 20.87 -8.14
C THR B 110 11.13 21.46 -9.41
N SER B 111 9.85 21.20 -9.63
CA SER B 111 9.10 21.81 -10.72
C SER B 111 9.07 23.34 -10.58
N GLU B 112 9.02 23.84 -9.34
CA GLU B 112 9.12 25.28 -9.06
C GLU B 112 10.45 25.88 -9.54
N ASP B 113 11.54 25.14 -9.29
CA ASP B 113 12.88 25.51 -9.77
C ASP B 113 12.92 25.58 -11.29
N ILE B 114 12.36 24.56 -11.94
CA ILE B 114 12.29 24.48 -13.39
C ILE B 114 11.45 25.61 -14.01
N SER B 115 10.34 25.96 -13.37
CA SER B 115 9.50 27.09 -13.80
CA SER B 115 9.52 27.08 -13.85
C SER B 115 10.29 28.40 -13.83
N ARG B 116 11.04 28.64 -12.74
CA ARG B 116 11.94 29.79 -12.60
C ARG B 116 12.99 29.82 -13.72
N LEU B 117 13.65 28.69 -13.91
CA LEU B 117 14.78 28.59 -14.81
C LEU B 117 14.41 28.68 -16.29
N PHE B 118 13.16 28.33 -16.62
CA PHE B 118 12.74 28.29 -18.03
C PHE B 118 11.62 29.28 -18.34
N GLY B 119 11.22 30.04 -17.33
CA GLY B 119 10.16 31.04 -17.47
C GLY B 119 10.68 32.43 -17.12
N THR C 1 -2.97 -3.34 -21.34
CA THR C 1 -2.13 -3.17 -20.13
C THR C 1 -1.25 -4.40 -19.96
N LEU C 2 0.05 -4.19 -20.13
CA LEU C 2 1.04 -5.23 -19.94
C LEU C 2 1.46 -5.25 -18.47
N VAL C 3 1.98 -6.39 -18.03
CA VAL C 3 2.47 -6.53 -16.65
C VAL C 3 3.40 -5.38 -16.23
N LYS C 4 4.35 -5.02 -17.11
CA LYS C 4 5.32 -3.97 -16.83
C LYS C 4 4.66 -2.62 -16.50
N ASP C 5 3.43 -2.43 -16.97
CA ASP C 5 2.70 -1.19 -16.74
C ASP C 5 2.07 -1.09 -15.34
N ILE C 6 2.00 -2.20 -14.61
CA ILE C 6 1.39 -2.18 -13.28
C ILE C 6 2.35 -2.46 -12.12
N LEU C 7 3.60 -2.79 -12.43
CA LEU C 7 4.58 -3.00 -11.37
C LEU C 7 4.90 -1.66 -10.71
N SER C 8 4.85 -1.61 -9.38
CA SER C 8 4.95 -0.34 -8.62
C SER C 8 6.06 -0.33 -7.57
N LYS C 9 6.87 -1.39 -7.56
CA LYS C 9 7.96 -1.50 -6.60
C LYS C 9 9.00 -2.47 -7.15
N PRO C 10 10.22 -2.42 -6.59
CA PRO C 10 11.23 -3.38 -7.01
C PRO C 10 10.94 -4.82 -6.59
N PRO C 11 11.61 -5.79 -7.23
CA PRO C 11 11.48 -7.19 -6.84
C PRO C 11 12.02 -7.41 -5.42
N ILE C 12 11.50 -8.42 -4.71
CA ILE C 12 12.05 -8.83 -3.43
C ILE C 12 12.28 -10.33 -3.54
N THR C 13 13.53 -10.76 -3.41
CA THR C 13 13.86 -12.17 -3.54
C THR C 13 14.82 -12.59 -2.44
N ALA C 14 15.05 -13.89 -2.32
CA ALA C 14 16.01 -14.44 -1.36
C ALA C 14 16.72 -15.63 -1.99
N HIS C 15 17.93 -15.90 -1.50
CA HIS C 15 18.67 -17.07 -1.97
C HIS C 15 18.22 -18.34 -1.25
N SER C 16 18.40 -19.48 -1.91
CA SER C 16 17.86 -20.74 -1.39
C SER C 16 18.55 -21.25 -0.12
N ASN C 17 19.75 -20.76 0.15
CA ASN C 17 20.50 -21.22 1.33
C ASN C 17 20.23 -20.48 2.64
N ILE C 18 19.34 -19.48 2.62
CA ILE C 18 19.02 -18.76 3.86
C ILE C 18 18.14 -19.59 4.79
N SER C 19 18.23 -19.30 6.08
CA SER C 19 17.50 -20.04 7.10
C SER C 19 16.01 -19.75 7.03
N ILE C 20 15.20 -20.64 7.60
CA ILE C 20 13.75 -20.40 7.69
C ILE C 20 13.45 -19.09 8.41
N MET C 21 14.17 -18.84 9.50
CA MET C 21 14.01 -17.59 10.27
C MET C 21 14.33 -16.36 9.43
N GLU C 22 15.42 -16.42 8.66
CA GLU C 22 15.78 -15.29 7.83
C GLU C 22 14.75 -15.01 6.73
N ALA C 23 14.17 -16.06 6.15
CA ALA C 23 13.10 -15.89 5.16
C ALA C 23 11.87 -15.29 5.82
N ALA C 24 11.53 -15.78 7.00
CA ALA C 24 10.40 -15.24 7.75
C ALA C 24 10.57 -13.74 8.03
N LYS C 25 11.79 -13.32 8.38
CA LYS C 25 12.07 -11.90 8.61
C LYS C 25 11.80 -11.06 7.36
N ILE C 26 12.11 -11.59 6.18
CA ILE C 26 11.86 -10.89 4.93
C ILE C 26 10.36 -10.70 4.69
N LEU C 27 9.57 -11.76 4.93
CA LEU C 27 8.12 -11.65 4.76
C LEU C 27 7.54 -10.57 5.65
N ILE C 28 7.94 -10.57 6.93
CA ILE C 28 7.37 -9.66 7.90
C ILE C 28 7.81 -8.22 7.63
N LYS C 29 9.09 -8.04 7.33
CA LYS C 29 9.65 -6.71 7.09
C LYS C 29 8.93 -5.99 5.96
N HIS C 30 8.62 -6.73 4.89
CA HIS C 30 8.04 -6.15 3.69
C HIS C 30 6.54 -6.34 3.58
N ASN C 31 5.94 -7.00 4.59
CA ASN C 31 4.51 -7.28 4.61
C ASN C 31 4.07 -7.99 3.32
N ILE C 32 4.79 -9.05 2.98
CA ILE C 32 4.50 -9.83 1.77
C ILE C 32 4.28 -11.28 2.13
N ASN C 33 3.47 -11.98 1.33
CA ASN C 33 3.25 -13.41 1.56
C ASN C 33 3.82 -14.28 0.47
N HIS C 34 4.55 -13.69 -0.48
CA HIS C 34 5.18 -14.47 -1.54
C HIS C 34 6.62 -14.00 -1.71
N LEU C 35 7.54 -14.96 -1.61
CA LEU C 35 8.96 -14.68 -1.70
C LEU C 35 9.60 -15.60 -2.75
N PRO C 36 9.86 -15.07 -3.96
CA PRO C 36 10.57 -15.83 -4.98
C PRO C 36 11.97 -16.14 -4.49
N ILE C 37 12.40 -17.38 -4.72
CA ILE C 37 13.74 -17.83 -4.36
C ILE C 37 14.60 -17.92 -5.62
N VAL C 38 15.82 -17.40 -5.53
CA VAL C 38 16.72 -17.33 -6.67
C VAL C 38 18.09 -17.96 -6.36
N ASP C 39 18.84 -18.30 -7.39
CA ASP C 39 20.20 -18.81 -7.20
C ASP C 39 21.23 -17.66 -7.27
N GLU C 40 22.52 -17.97 -7.27
CA GLU C 40 23.58 -16.93 -7.26
C GLU C 40 23.57 -16.05 -8.50
N HIS C 41 22.97 -16.54 -9.58
CA HIS C 41 22.81 -15.80 -10.82
C HIS C 41 21.54 -14.96 -10.82
N GLY C 42 20.71 -15.13 -9.80
CA GLY C 42 19.44 -14.42 -9.75
C GLY C 42 18.34 -15.17 -10.49
N LYS C 43 18.60 -16.40 -10.92
CA LYS C 43 17.62 -17.20 -11.66
C LYS C 43 16.56 -17.72 -10.70
N LEU C 44 15.29 -17.61 -11.09
CA LEU C 44 14.21 -18.16 -10.28
C LEU C 44 14.33 -19.68 -10.11
N VAL C 45 14.33 -20.12 -8.86
CA VAL C 45 14.38 -21.56 -8.57
C VAL C 45 13.23 -22.09 -7.73
N GLY C 46 12.45 -21.18 -7.14
CA GLY C 46 11.32 -21.60 -6.32
C GLY C 46 10.58 -20.43 -5.72
N ILE C 47 9.62 -20.75 -4.85
CA ILE C 47 8.83 -19.73 -4.16
C ILE C 47 8.41 -20.22 -2.77
N ILE C 48 8.31 -19.29 -1.82
CA ILE C 48 7.73 -19.61 -0.52
C ILE C 48 6.66 -18.60 -0.08
N THR C 49 5.75 -19.09 0.74
CA THR C 49 4.76 -18.25 1.41
C THR C 49 4.87 -18.51 2.91
N SER C 50 4.09 -17.79 3.72
CA SER C 50 4.13 -18.05 5.16
C SER C 50 3.67 -19.47 5.50
N TRP C 51 2.82 -20.05 4.65
CA TRP C 51 2.43 -21.44 4.83
C TRP C 51 3.65 -22.35 4.79
N ASP C 52 4.54 -22.10 3.83
CA ASP C 52 5.77 -22.88 3.73
C ASP C 52 6.69 -22.68 4.92
N ILE C 53 6.72 -21.47 5.48
CA ILE C 53 7.47 -21.21 6.70
C ILE C 53 6.96 -22.12 7.83
N ALA C 54 5.64 -22.18 7.99
CA ALA C 54 5.02 -23.08 8.96
C ALA C 54 5.35 -24.55 8.69
N LYS C 55 5.24 -24.98 7.43
CA LYS C 55 5.58 -26.35 7.04
C LYS C 55 7.02 -26.68 7.40
N ALA C 56 7.93 -25.75 7.10
CA ALA C 56 9.36 -25.96 7.37
C ALA C 56 9.66 -26.10 8.85
N LEU C 57 9.05 -25.25 9.68
CA LEU C 57 9.26 -25.30 11.12
C LEU C 57 8.73 -26.61 11.68
N ALA C 58 7.52 -27.00 11.28
CA ALA C 58 6.92 -28.26 11.71
C ALA C 58 7.82 -29.44 11.40
N GLN C 59 8.46 -29.40 10.24
CA GLN C 59 9.33 -30.49 9.79
C GLN C 59 10.81 -30.32 10.17
N ASN C 60 11.12 -29.27 10.93
CA ASN C 60 12.49 -28.98 11.38
C ASN C 60 13.46 -28.89 10.19
N LYS C 61 13.02 -28.20 9.14
CA LYS C 61 13.90 -27.85 8.03
C LYS C 61 14.81 -26.72 8.47
N LYS C 62 15.99 -26.68 7.88
CA LYS C 62 16.99 -25.67 8.23
C LYS C 62 17.03 -24.49 7.25
N THR C 63 17.01 -24.79 5.96
CA THR C 63 17.04 -23.75 4.94
C THR C 63 15.86 -23.80 4.00
N ILE C 64 15.65 -22.67 3.32
CA ILE C 64 14.54 -22.48 2.38
C ILE C 64 14.50 -23.50 1.25
N GLU C 65 15.67 -23.90 0.77
CA GLU C 65 15.78 -24.88 -0.31
C GLU C 65 15.03 -26.18 0.01
N GLU C 66 14.98 -26.52 1.29
CA GLU C 66 14.35 -27.76 1.75
C GLU C 66 12.82 -27.75 1.69
N ILE C 67 12.23 -26.56 1.62
CA ILE C 67 10.77 -26.44 1.64
C ILE C 67 10.16 -25.76 0.41
N MET C 68 10.97 -25.03 -0.34
CA MET C 68 10.42 -24.20 -1.42
C MET C 68 9.69 -25.03 -2.47
N THR C 69 8.66 -24.42 -3.03
CA THR C 69 7.91 -24.95 -4.15
C THR C 69 8.70 -24.66 -5.42
N ARG C 70 9.00 -25.70 -6.20
CA ARG C 70 9.83 -25.56 -7.41
C ARG C 70 9.02 -25.41 -8.71
N ASN C 71 7.76 -25.87 -8.66
CA ASN C 71 6.83 -25.78 -9.78
C ASN C 71 6.14 -24.42 -9.75
N VAL C 72 6.79 -23.41 -10.31
CA VAL C 72 6.34 -22.03 -10.20
C VAL C 72 5.85 -21.43 -11.53
N ILE C 73 4.56 -21.12 -11.58
CA ILE C 73 3.96 -20.38 -12.70
C ILE C 73 4.47 -18.93 -12.67
N THR C 74 4.85 -18.41 -13.84
CA THR C 74 5.42 -17.07 -13.95
C THR C 74 4.74 -16.24 -15.05
N ALA C 75 5.06 -14.95 -15.07
CA ALA C 75 4.63 -14.07 -16.16
C ALA C 75 5.83 -13.33 -16.74
N HIS C 76 5.70 -12.89 -17.97
CA HIS C 76 6.74 -12.07 -18.57
C HIS C 76 6.31 -10.60 -18.49
N GLU C 77 7.29 -9.70 -18.40
CA GLU C 77 7.00 -8.25 -18.31
C GLU C 77 6.09 -7.74 -19.44
N ASP C 78 6.09 -8.42 -20.58
CA ASP C 78 5.32 -7.99 -21.75
C ASP C 78 3.99 -8.74 -21.93
N GLU C 79 3.65 -9.59 -20.98
CA GLU C 79 2.40 -10.35 -21.00
C GLU C 79 1.24 -9.43 -20.57
N PRO C 80 0.06 -9.56 -21.22
CA PRO C 80 -1.09 -8.77 -20.71
C PRO C 80 -1.43 -9.13 -19.28
N VAL C 81 -1.75 -8.10 -18.48
CA VAL C 81 -2.21 -8.30 -17.10
C VAL C 81 -3.36 -9.30 -17.03
N ASP C 82 -4.30 -9.23 -17.97
CA ASP C 82 -5.41 -10.15 -17.93
C ASP C 82 -5.00 -11.61 -18.05
N HIS C 83 -3.91 -11.87 -18.77
CA HIS C 83 -3.41 -13.23 -18.96
C HIS C 83 -2.83 -13.76 -17.65
N VAL C 84 -2.29 -12.86 -16.84
CA VAL C 84 -1.81 -13.19 -15.49
C VAL C 84 -2.97 -13.56 -14.57
N ALA C 85 -4.06 -12.81 -14.66
CA ALA C 85 -5.27 -13.11 -13.89
C ALA C 85 -5.84 -14.48 -14.26
N ILE C 86 -5.82 -14.79 -15.56
CA ILE C 86 -6.28 -16.06 -16.09
C ILE C 86 -5.44 -17.23 -15.53
N LYS C 87 -4.12 -17.04 -15.49
CA LYS C 87 -3.21 -18.02 -14.90
C LYS C 87 -3.53 -18.27 -13.42
N MET C 88 -3.80 -17.21 -12.68
CA MET C 88 -4.10 -17.32 -11.24
C MET C 88 -5.32 -18.20 -11.00
N SER C 89 -6.36 -18.02 -11.82
CA SER C 89 -7.57 -18.84 -11.70
C SER C 89 -7.31 -20.28 -12.15
N LYS C 90 -6.58 -20.41 -13.25
CA LYS C 90 -6.31 -21.70 -13.89
C LYS C 90 -5.53 -22.64 -12.97
N TYR C 91 -4.52 -22.10 -12.30
CA TYR C 91 -3.64 -22.89 -11.45
C TYR C 91 -3.94 -22.74 -9.97
N ASN C 92 -4.99 -21.97 -9.66
CA ASN C 92 -5.40 -21.72 -8.28
C ASN C 92 -4.24 -21.19 -7.40
N ILE C 93 -3.65 -20.08 -7.86
CA ILE C 93 -2.51 -19.45 -7.18
C ILE C 93 -2.77 -17.96 -6.93
N SER C 94 -2.04 -17.38 -5.99
CA SER C 94 -2.25 -15.99 -5.55
C SER C 94 -1.06 -15.05 -5.78
N GLY C 95 0.04 -15.59 -6.30
CA GLY C 95 1.23 -14.79 -6.56
C GLY C 95 1.97 -15.33 -7.76
N VAL C 96 2.31 -14.46 -8.71
CA VAL C 96 2.98 -14.87 -9.93
C VAL C 96 4.24 -14.01 -10.13
N PRO C 97 5.44 -14.58 -9.90
CA PRO C 97 6.66 -13.80 -10.18
C PRO C 97 6.72 -13.38 -11.63
N VAL C 98 7.23 -12.19 -11.87
CA VAL C 98 7.41 -11.69 -13.21
C VAL C 98 8.89 -11.87 -13.53
N VAL C 99 9.20 -12.47 -14.68
CA VAL C 99 10.59 -12.80 -15.03
C VAL C 99 11.04 -12.15 -16.34
N ASP C 100 12.35 -11.99 -16.48
CA ASP C 100 12.90 -11.46 -17.73
C ASP C 100 13.46 -12.61 -18.56
N ASP C 101 14.17 -12.27 -19.63
CA ASP C 101 14.74 -13.28 -20.54
C ASP C 101 15.82 -14.19 -19.93
N TYR C 102 16.41 -13.79 -18.80
CA TYR C 102 17.35 -14.67 -18.10
C TYR C 102 16.71 -15.42 -16.94
N ARG C 103 15.38 -15.35 -16.85
CA ARG C 103 14.61 -15.91 -15.73
C ARG C 103 14.90 -15.26 -14.38
N ARG C 104 15.41 -14.03 -14.40
CA ARG C 104 15.57 -13.23 -13.19
C ARG C 104 14.20 -12.66 -12.82
N VAL C 105 14.00 -12.39 -11.53
CA VAL C 105 12.73 -11.85 -11.06
C VAL C 105 12.74 -10.33 -11.11
N VAL C 106 11.81 -9.75 -11.87
CA VAL C 106 11.73 -8.29 -11.98
C VAL C 106 10.56 -7.70 -11.18
N GLY C 107 9.70 -8.55 -10.65
CA GLY C 107 8.58 -8.11 -9.84
C GLY C 107 7.67 -9.28 -9.51
N ILE C 108 6.52 -8.99 -8.91
CA ILE C 108 5.51 -10.02 -8.67
C ILE C 108 4.13 -9.39 -8.76
N VAL C 109 3.18 -10.16 -9.29
CA VAL C 109 1.78 -9.77 -9.32
C VAL C 109 1.01 -10.68 -8.39
N THR C 110 0.24 -10.10 -7.47
CA THR C 110 -0.56 -10.91 -6.53
C THR C 110 -2.06 -10.81 -6.83
N SER C 111 -2.83 -11.69 -6.17
CA SER C 111 -4.29 -11.64 -6.20
C SER C 111 -4.81 -10.28 -5.77
N GLU C 112 -4.19 -9.72 -4.72
CA GLU C 112 -4.61 -8.42 -4.20
C GLU C 112 -4.32 -7.29 -5.18
N ASP C 113 -3.21 -7.40 -5.91
CA ASP C 113 -2.86 -6.45 -6.95
C ASP C 113 -3.98 -6.44 -7.99
N ILE C 114 -4.40 -7.63 -8.39
CA ILE C 114 -5.47 -7.78 -9.38
C ILE C 114 -6.80 -7.23 -8.88
N SER C 115 -7.18 -7.56 -7.64
CA SER C 115 -8.43 -7.08 -7.07
CA SER C 115 -8.43 -7.08 -7.07
C SER C 115 -8.43 -5.56 -6.91
N ARG C 116 -7.28 -5.00 -6.56
CA ARG C 116 -7.17 -3.55 -6.41
C ARG C 116 -7.40 -2.83 -7.73
N LEU C 117 -6.92 -3.41 -8.83
CA LEU C 117 -7.11 -2.80 -10.14
C LEU C 117 -8.48 -3.11 -10.74
N PHE C 118 -8.94 -4.36 -10.58
CA PHE C 118 -10.07 -4.87 -11.35
C PHE C 118 -11.22 -5.50 -10.57
N GLY C 119 -11.15 -5.46 -9.24
CA GLY C 119 -12.18 -6.09 -8.40
C GLY C 119 -13.48 -5.30 -8.44
N THR D 1 -15.91 27.42 -25.85
CA THR D 1 -15.49 26.29 -24.96
C THR D 1 -15.51 26.68 -23.49
N LEU D 2 -16.49 26.17 -22.76
CA LEU D 2 -16.62 26.50 -21.34
C LEU D 2 -16.10 25.35 -20.47
N VAL D 3 -15.89 25.61 -19.19
CA VAL D 3 -15.36 24.59 -18.28
C VAL D 3 -16.21 23.31 -18.32
N LYS D 4 -17.53 23.47 -18.31
CA LYS D 4 -18.46 22.35 -18.39
C LYS D 4 -18.24 21.46 -19.63
N ASP D 5 -17.71 22.04 -20.70
CA ASP D 5 -17.50 21.32 -21.97
C ASP D 5 -16.39 20.28 -21.89
N ILE D 6 -15.51 20.42 -20.89
CA ILE D 6 -14.45 19.44 -20.67
C ILE D 6 -14.69 18.46 -19.49
N LEU D 7 -15.82 18.59 -18.78
CA LEU D 7 -16.16 17.63 -17.73
C LEU D 7 -16.78 16.36 -18.31
N SER D 8 -16.45 15.21 -17.73
CA SER D 8 -16.95 13.92 -18.26
C SER D 8 -17.43 12.94 -17.18
N LYS D 9 -17.23 13.29 -15.92
CA LYS D 9 -17.58 12.40 -14.81
C LYS D 9 -17.92 13.22 -13.58
N PRO D 10 -18.73 12.66 -12.66
CA PRO D 10 -18.95 13.34 -11.39
C PRO D 10 -17.65 13.37 -10.59
N PRO D 11 -17.41 14.44 -9.82
CA PRO D 11 -16.22 14.46 -8.97
C PRO D 11 -16.42 13.68 -7.69
N ILE D 12 -15.33 13.14 -7.16
CA ILE D 12 -15.35 12.54 -5.84
C ILE D 12 -15.26 13.66 -4.80
N THR D 13 -16.18 13.65 -3.84
CA THR D 13 -16.21 14.65 -2.77
C THR D 13 -16.43 13.95 -1.44
N ALA D 14 -16.25 14.72 -0.36
CA ALA D 14 -16.45 14.23 1.01
C ALA D 14 -16.94 15.32 1.97
N HIS D 15 -17.44 14.90 3.13
CA HIS D 15 -17.89 15.84 4.17
C HIS D 15 -16.78 16.15 5.20
N SER D 16 -16.89 17.29 5.88
CA SER D 16 -15.79 17.77 6.72
C SER D 16 -15.63 17.06 8.08
N ASN D 17 -16.65 16.29 8.48
CA ASN D 17 -16.60 15.62 9.77
C ASN D 17 -15.80 14.30 9.79
N ILE D 18 -15.34 13.84 8.62
CA ILE D 18 -14.59 12.57 8.52
C ILE D 18 -13.18 12.71 9.08
N SER D 19 -12.61 11.61 9.55
CA SER D 19 -11.27 11.61 10.15
C SER D 19 -10.24 11.83 9.05
N ILE D 20 -9.03 12.22 9.43
CA ILE D 20 -7.99 12.37 8.42
C ILE D 20 -7.60 11.01 7.82
N MET D 21 -7.71 9.94 8.60
CA MET D 21 -7.54 8.57 8.10
C MET D 21 -8.52 8.22 6.97
N GLU D 22 -9.80 8.48 7.19
CA GLU D 22 -10.83 8.21 6.18
C GLU D 22 -10.58 9.00 4.91
N ALA D 23 -10.16 10.26 5.06
CA ALA D 23 -9.83 11.11 3.91
C ALA D 23 -8.63 10.56 3.12
N ALA D 24 -7.58 10.14 3.83
CA ALA D 24 -6.40 9.53 3.20
C ALA D 24 -6.80 8.30 2.38
N LYS D 25 -7.66 7.46 2.97
CA LYS D 25 -8.17 6.27 2.28
C LYS D 25 -8.90 6.61 0.97
N ILE D 26 -9.68 7.68 0.99
CA ILE D 26 -10.38 8.15 -0.22
C ILE D 26 -9.39 8.54 -1.33
N LEU D 27 -8.37 9.33 -0.99
CA LEU D 27 -7.34 9.74 -1.96
C LEU D 27 -6.67 8.53 -2.60
N ILE D 28 -6.26 7.57 -1.78
CA ILE D 28 -5.51 6.43 -2.29
C ILE D 28 -6.41 5.46 -3.08
N LYS D 29 -7.62 5.23 -2.60
CA LYS D 29 -8.55 4.31 -3.27
C LYS D 29 -8.91 4.76 -4.69
N HIS D 30 -9.16 6.05 -4.82
CA HIS D 30 -9.58 6.65 -6.07
C HIS D 30 -8.45 7.25 -6.87
N ASN D 31 -7.24 7.12 -6.35
CA ASN D 31 -6.04 7.65 -7.00
C ASN D 31 -6.19 9.12 -7.43
N ILE D 32 -6.63 9.95 -6.48
CA ILE D 32 -6.81 11.39 -6.69
C ILE D 32 -6.05 12.15 -5.61
N ASN D 33 -5.57 13.35 -5.95
CA ASN D 33 -4.92 14.20 -4.96
C ASN D 33 -5.69 15.47 -4.63
N HIS D 34 -6.93 15.56 -5.09
CA HIS D 34 -7.78 16.73 -4.78
C HIS D 34 -9.16 16.24 -4.37
N LEU D 35 -9.57 16.59 -3.16
CA LEU D 35 -10.84 16.13 -2.62
C LEU D 35 -11.62 17.35 -2.17
N PRO D 36 -12.55 17.83 -3.03
CA PRO D 36 -13.44 18.91 -2.59
C PRO D 36 -14.27 18.44 -1.39
N ILE D 37 -14.36 19.32 -0.39
CA ILE D 37 -15.16 19.07 0.79
C ILE D 37 -16.47 19.82 0.67
N VAL D 38 -17.59 19.14 0.90
CA VAL D 38 -18.90 19.73 0.68
C VAL D 38 -19.81 19.52 1.87
N ASP D 39 -20.86 20.35 1.96
CA ASP D 39 -21.92 20.12 2.93
C ASP D 39 -22.97 19.13 2.39
N GLU D 40 -24.09 18.98 3.11
CA GLU D 40 -25.11 18.00 2.73
C GLU D 40 -25.91 18.44 1.51
N HIS D 41 -25.70 19.68 1.07
CA HIS D 41 -26.29 20.19 -0.19
C HIS D 41 -25.34 20.07 -1.36
N GLY D 42 -24.17 19.51 -1.08
CA GLY D 42 -23.11 19.39 -2.09
C GLY D 42 -22.37 20.69 -2.36
N LYS D 43 -22.54 21.67 -1.47
CA LYS D 43 -21.90 22.97 -1.65
C LYS D 43 -20.49 22.95 -1.09
N LEU D 44 -19.58 23.60 -1.83
CA LEU D 44 -18.16 23.62 -1.48
C LEU D 44 -17.87 24.38 -0.18
N VAL D 45 -17.21 23.70 0.76
CA VAL D 45 -16.77 24.35 1.99
C VAL D 45 -15.25 24.34 2.17
N GLY D 46 -14.53 23.55 1.37
CA GLY D 46 -13.09 23.51 1.47
C GLY D 46 -12.47 22.52 0.52
N ILE D 47 -11.15 22.37 0.59
CA ILE D 47 -10.46 21.37 -0.23
C ILE D 47 -9.35 20.68 0.58
N ILE D 48 -9.12 19.40 0.25
CA ILE D 48 -8.06 18.57 0.84
C ILE D 48 -7.17 18.02 -0.27
N THR D 49 -5.86 18.09 -0.06
CA THR D 49 -4.91 17.34 -0.88
C THR D 49 -4.06 16.49 0.07
N SER D 50 -3.17 15.67 -0.48
CA SER D 50 -2.26 14.88 0.37
C SER D 50 -1.39 15.77 1.27
N TRP D 51 -1.11 16.99 0.83
CA TRP D 51 -0.41 17.97 1.66
C TRP D 51 -1.13 18.22 2.98
N ASP D 52 -2.45 18.38 2.93
CA ASP D 52 -3.24 18.61 4.15
C ASP D 52 -3.27 17.40 5.06
N ILE D 53 -3.21 16.21 4.49
CA ILE D 53 -3.12 14.99 5.28
C ILE D 53 -1.81 15.01 6.08
N ALA D 54 -0.72 15.35 5.40
CA ALA D 54 0.59 15.47 6.07
C ALA D 54 0.57 16.57 7.13
N LYS D 55 -0.08 17.69 6.82
CA LYS D 55 -0.17 18.81 7.75
C LYS D 55 -0.95 18.43 9.00
N ALA D 56 -2.06 17.72 8.80
CA ALA D 56 -2.87 17.22 9.92
C ALA D 56 -2.09 16.24 10.80
N LEU D 57 -1.32 15.35 10.19
CA LEU D 57 -0.55 14.37 10.95
C LEU D 57 0.56 15.07 11.74
N ALA D 58 1.24 16.01 11.09
CA ALA D 58 2.32 16.77 11.75
C ALA D 58 1.81 17.54 12.97
N GLN D 59 0.57 18.04 12.87
CA GLN D 59 -0.02 18.88 13.91
C GLN D 59 -0.96 18.10 14.84
N ASN D 60 -1.02 16.78 14.65
CA ASN D 60 -1.94 15.88 15.39
C ASN D 60 -3.40 16.38 15.44
N LYS D 61 -3.92 16.79 14.29
CA LYS D 61 -5.32 17.20 14.15
C LYS D 61 -6.13 15.98 13.74
N LYS D 62 -7.41 15.94 14.11
CA LYS D 62 -8.21 14.71 14.05
C LYS D 62 -9.20 14.62 12.88
N THR D 63 -9.77 15.76 12.49
CA THR D 63 -10.78 15.82 11.43
C THR D 63 -10.46 16.77 10.28
N ILE D 64 -11.11 16.52 9.15
CA ILE D 64 -10.96 17.34 7.92
C ILE D 64 -11.30 18.82 8.16
N GLU D 65 -12.36 19.08 8.91
CA GLU D 65 -12.77 20.45 9.28
C GLU D 65 -11.58 21.28 9.76
N GLU D 66 -10.73 20.67 10.57
CA GLU D 66 -9.62 21.33 11.25
C GLU D 66 -8.46 21.70 10.31
N ILE D 67 -8.37 21.03 9.17
CA ILE D 67 -7.19 21.15 8.32
C ILE D 67 -7.49 21.61 6.89
N MET D 68 -8.76 21.50 6.47
CA MET D 68 -9.09 21.82 5.10
C MET D 68 -8.79 23.28 4.74
N THR D 69 -8.34 23.50 3.51
CA THR D 69 -8.20 24.87 3.01
C THR D 69 -9.58 25.43 2.71
N ARG D 70 -9.97 26.51 3.39
CA ARG D 70 -11.31 27.10 3.28
C ARG D 70 -11.42 28.14 2.16
N ASN D 71 -10.29 28.75 1.82
CA ASN D 71 -10.25 29.70 0.73
C ASN D 71 -9.83 28.97 -0.55
N VAL D 72 -10.83 28.49 -1.28
CA VAL D 72 -10.59 27.59 -2.41
C VAL D 72 -10.60 28.37 -3.72
N ILE D 73 -9.58 28.16 -4.53
CA ILE D 73 -9.58 28.65 -5.90
C ILE D 73 -10.43 27.68 -6.73
N THR D 74 -11.49 28.22 -7.34
CA THR D 74 -12.49 27.43 -8.07
C THR D 74 -12.65 27.98 -9.48
N ALA D 75 -13.37 27.25 -10.32
CA ALA D 75 -13.82 27.76 -11.62
C ALA D 75 -15.31 27.56 -11.71
N HIS D 76 -15.98 28.45 -12.42
CA HIS D 76 -17.41 28.32 -12.64
C HIS D 76 -17.66 27.45 -13.87
N GLU D 77 -18.72 26.64 -13.85
CA GLU D 77 -18.99 25.71 -14.97
C GLU D 77 -19.16 26.44 -16.31
N ASP D 78 -19.62 27.69 -16.25
CA ASP D 78 -19.86 28.51 -17.44
C ASP D 78 -18.69 29.40 -17.82
N GLU D 79 -17.59 29.26 -17.09
CA GLU D 79 -16.41 30.08 -17.33
C GLU D 79 -15.69 29.60 -18.57
N PRO D 80 -15.10 30.55 -19.34
CA PRO D 80 -14.20 30.15 -20.41
C PRO D 80 -13.15 29.19 -19.89
N VAL D 81 -12.97 28.10 -20.61
CA VAL D 81 -12.07 27.03 -20.20
C VAL D 81 -10.63 27.52 -19.99
N ASP D 82 -10.21 28.55 -20.74
CA ASP D 82 -8.83 29.06 -20.62
C ASP D 82 -8.50 29.65 -19.26
N HIS D 83 -9.53 29.99 -18.48
CA HIS D 83 -9.31 30.59 -17.18
C HIS D 83 -8.76 29.60 -16.18
N VAL D 84 -9.02 28.31 -16.41
CA VAL D 84 -8.53 27.26 -15.51
C VAL D 84 -7.01 27.27 -15.46
N ALA D 85 -6.39 27.26 -16.64
CA ALA D 85 -4.93 27.20 -16.73
C ALA D 85 -4.28 28.42 -16.09
N ILE D 86 -4.87 29.59 -16.30
CA ILE D 86 -4.38 30.83 -15.71
C ILE D 86 -4.41 30.76 -14.18
N LYS D 87 -5.50 30.26 -13.60
CA LYS D 87 -5.62 30.07 -12.15
C LYS D 87 -4.55 29.10 -11.65
N MET D 88 -4.36 27.99 -12.36
CA MET D 88 -3.34 27.00 -12.02
C MET D 88 -1.92 27.59 -12.01
N SER D 89 -1.59 28.36 -13.05
CA SER D 89 -0.29 29.02 -13.16
C SER D 89 -0.09 30.06 -12.07
N LYS D 90 -1.10 30.90 -11.88
CA LYS D 90 -1.05 32.01 -10.92
C LYS D 90 -0.86 31.56 -9.47
N TYR D 91 -1.55 30.49 -9.08
CA TYR D 91 -1.60 30.09 -7.67
C TYR D 91 -0.78 28.85 -7.35
N ASN D 92 -0.07 28.35 -8.36
CA ASN D 92 0.71 27.11 -8.23
C ASN D 92 -0.11 25.95 -7.69
N ILE D 93 -1.25 25.72 -8.33
CA ILE D 93 -2.17 24.65 -7.94
C ILE D 93 -2.42 23.72 -9.12
N SER D 94 -2.84 22.49 -8.83
CA SER D 94 -2.96 21.49 -9.88
C SER D 94 -4.37 20.93 -9.98
N GLY D 95 -5.31 21.51 -9.24
CA GLY D 95 -6.68 21.02 -9.25
C GLY D 95 -7.64 22.11 -8.84
N VAL D 96 -8.70 22.29 -9.64
CA VAL D 96 -9.66 23.36 -9.41
C VAL D 96 -11.09 22.80 -9.37
N PRO D 97 -11.74 22.83 -8.18
CA PRO D 97 -13.15 22.42 -8.16
C PRO D 97 -14.00 23.34 -9.03
N VAL D 98 -14.98 22.74 -9.72
CA VAL D 98 -15.89 23.47 -10.59
C VAL D 98 -17.24 23.61 -9.89
N VAL D 99 -17.74 24.83 -9.81
CA VAL D 99 -19.01 25.09 -9.15
C VAL D 99 -20.02 25.70 -10.11
N ASP D 100 -21.29 25.64 -9.72
CA ASP D 100 -22.36 26.37 -10.41
C ASP D 100 -22.66 27.72 -9.72
N ASP D 101 -23.75 28.40 -10.11
CA ASP D 101 -24.09 29.71 -9.54
C ASP D 101 -24.31 29.67 -8.02
N TYR D 102 -24.60 28.47 -7.49
CA TYR D 102 -24.95 28.29 -6.08
C TYR D 102 -23.98 27.43 -5.28
N ARG D 103 -22.72 27.43 -5.70
CA ARG D 103 -21.63 26.80 -4.96
C ARG D 103 -21.67 25.25 -4.95
N ARG D 104 -22.57 24.64 -5.73
CA ARG D 104 -22.60 23.17 -5.84
C ARG D 104 -21.39 22.69 -6.63
N VAL D 105 -20.64 21.74 -6.06
CA VAL D 105 -19.49 21.16 -6.77
C VAL D 105 -20.00 20.20 -7.85
N VAL D 106 -19.74 20.56 -9.11
CA VAL D 106 -20.22 19.80 -10.27
C VAL D 106 -19.12 19.08 -11.01
N GLY D 107 -17.86 19.38 -10.66
CA GLY D 107 -16.72 18.73 -11.31
C GLY D 107 -15.41 19.17 -10.69
N ILE D 108 -14.32 18.60 -11.19
CA ILE D 108 -12.98 19.10 -10.90
C ILE D 108 -12.12 18.98 -12.16
N VAL D 109 -11.28 19.98 -12.36
CA VAL D 109 -10.34 20.00 -13.47
C VAL D 109 -8.93 20.03 -12.89
N THR D 110 -8.07 19.14 -13.39
CA THR D 110 -6.70 19.02 -12.90
C THR D 110 -5.71 19.49 -13.97
N SER D 111 -4.46 19.67 -13.54
CA SER D 111 -3.38 20.07 -14.47
C SER D 111 -3.18 19.01 -15.57
N GLU D 112 -3.37 17.74 -15.24
CA GLU D 112 -3.32 16.68 -16.23
C GLU D 112 -4.45 16.77 -17.27
N ASP D 113 -5.64 17.18 -16.84
CA ASP D 113 -6.77 17.42 -17.74
C ASP D 113 -6.42 18.52 -18.75
N ILE D 114 -5.84 19.61 -18.24
CA ILE D 114 -5.44 20.75 -19.07
C ILE D 114 -4.30 20.37 -20.03
N SER D 115 -3.33 19.60 -19.52
CA SER D 115 -2.20 19.13 -20.33
CA SER D 115 -2.20 19.12 -20.33
C SER D 115 -2.68 18.26 -21.48
N ARG D 116 -3.59 17.33 -21.17
CA ARG D 116 -4.20 16.43 -22.15
C ARG D 116 -4.83 17.23 -23.28
N LEU D 117 -5.45 18.35 -22.93
CA LEU D 117 -6.20 19.15 -23.90
C LEU D 117 -5.38 20.24 -24.60
N PHE D 118 -4.59 21.00 -23.85
CA PHE D 118 -3.94 22.22 -24.38
C PHE D 118 -2.42 22.22 -24.28
N GLY D 119 -1.84 21.08 -23.88
CA GLY D 119 -0.43 21.07 -23.48
C GLY D 119 0.37 19.89 -23.99
N SAM E . -6.24 -13.72 6.29
N SAM E . 0.38 -12.00 5.52
CA SAM E . -4.93 -13.15 6.63
CA SAM E . -0.66 -10.97 5.55
C SAM E . -4.23 -14.05 7.65
C SAM E . -0.37 -9.95 4.43
O SAM E . -4.29 -15.29 7.56
O SAM E . -1.10 -8.95 4.28
OXT SAM E . -3.56 -13.58 8.57
OXT SAM E . 0.57 -10.10 3.65
CB SAM E . -5.13 -11.75 7.24
CB SAM E . -0.63 -10.25 6.91
CG SAM E . -3.98 -10.83 6.86
CG SAM E . -1.90 -9.40 7.10
SD SAM E . -3.16 -10.09 8.33
SD SAM E . -3.18 -10.13 8.19
CE SAM E . -1.65 -9.51 7.57
CE SAM E . -3.44 -8.73 9.28
C5' SAM E . -2.49 -11.43 9.38
C5' SAM E . -2.44 -11.31 9.40
C4' SAM E . -3.05 -11.40 10.80
C4' SAM E . -3.09 -11.26 10.79
O4' SAM E . -4.48 -11.55 10.77
O4' SAM E . -4.52 -11.51 10.75
C3' SAM E . -2.54 -12.62 11.56
C3' SAM E . -2.50 -12.40 11.65
O3' SAM E . -1.51 -12.19 12.45
O3' SAM E . -1.81 -11.80 12.76
C2' SAM E . -3.75 -13.11 12.35
C2' SAM E . -3.74 -13.17 12.14
O2' SAM E . -3.41 -13.14 13.74
O2' SAM E . -3.58 -13.59 13.51
C1' SAM E . -4.80 -12.04 12.08
C1' SAM E . -4.81 -12.11 12.02
N9 SAM E . -6.13 -12.69 12.05
N9 SAM E . -6.13 -12.75 12.01
C8 SAM E . -6.52 -13.66 11.23
C8 SAM E . -6.56 -13.74 11.23
N7 SAM E . -7.78 -13.99 11.50
N7 SAM E . -7.82 -14.05 11.54
C5 SAM E . -8.20 -13.23 12.50
C5 SAM E . -8.20 -13.24 12.53
C6 SAM E . -9.40 -13.12 13.19
C6 SAM E . -9.37 -13.09 13.25
N6 SAM E . -10.44 -13.89 12.90
N6 SAM E . -10.44 -13.84 13.02
N1 SAM E . -9.50 -12.22 14.18
N1 SAM E . -9.42 -12.15 14.22
C2 SAM E . -8.47 -11.44 14.49
C2 SAM E . -8.37 -11.38 14.47
N3 SAM E . -7.32 -11.51 13.84
N3 SAM E . -7.24 -11.50 13.79
C4 SAM E . -7.16 -12.40 12.85
C4 SAM E . -7.13 -12.42 12.83
N SAM F . 5.23 14.13 -7.17
N SAM F . 0.15 11.23 -6.62
CA SAM F . 3.96 13.38 -7.16
CA SAM F . -0.38 11.37 -8.00
C SAM F . 3.67 12.93 -5.72
C SAM F . -1.91 11.45 -7.94
O SAM F . 4.08 11.86 -5.29
O SAM F . -2.50 12.45 -8.35
OXT SAM F . 3.07 13.67 -4.94
OXT SAM F . -2.58 10.53 -7.49
CB SAM F . 4.06 12.18 -8.15
CB SAM F . 0.01 10.16 -8.86
CG SAM F . 2.71 11.47 -8.40
CG SAM F . 0.55 8.98 -8.03
SD SAM F . 2.84 9.66 -8.20
SD SAM F . 2.36 8.79 -8.15
CE SAM F . 1.16 9.10 -8.46
CE SAM F . 2.50 7.01 -8.11
C5' SAM F . 3.05 9.36 -6.40
C5' SAM F . 3.06 9.27 -6.52
C4' SAM F . 4.44 8.79 -6.09
C4' SAM F . 4.48 8.74 -6.22
O4' SAM F . 5.46 9.55 -6.80
O4' SAM F . 5.47 9.54 -6.88
C3' SAM F . 4.83 8.88 -4.60
C3' SAM F . 4.81 8.86 -4.73
O3' SAM F . 4.83 7.53 -4.11
O3' SAM F . 4.80 7.55 -4.15
C2' SAM F . 6.26 9.44 -4.64
C2' SAM F . 6.24 9.44 -4.71
O2' SAM F . 7.12 8.72 -3.73
O2' SAM F . 7.09 8.70 -3.81
C1' SAM F . 6.66 9.21 -6.10
C1' SAM F . 6.67 9.22 -6.16
N9 SAM F . 7.78 10.09 -6.50
N9 SAM F . 7.80 10.10 -6.54
C8 SAM F . 7.87 11.41 -6.34
C8 SAM F . 7.91 11.42 -6.37
N7 SAM F . 9.05 11.83 -6.83
N7 SAM F . 9.09 11.83 -6.84
C5 SAM F . 9.69 10.77 -7.31
C5 SAM F . 9.74 10.77 -7.33
C6 SAM F . 10.93 10.57 -7.92
C6 SAM F . 10.97 10.56 -7.93
N6 SAM F . 11.75 11.60 -8.15
N6 SAM F . 11.80 11.58 -8.15
N1 SAM F . 11.27 9.33 -8.28
N1 SAM F . 11.30 9.32 -8.29
C2 SAM F . 10.47 8.30 -8.08
C2 SAM F . 10.48 8.29 -8.09
N3 SAM F . 9.28 8.44 -7.49
N3 SAM F . 9.31 8.46 -7.52
C4 SAM F . 8.88 9.66 -7.10
C4 SAM F . 8.91 9.68 -7.13
C1 GOL G . 11.96 37.26 -18.85
O1 GOL G . 11.64 37.67 -20.17
C2 GOL G . 11.75 35.76 -18.70
O2 GOL G . 10.37 35.48 -18.60
C3 GOL G . 12.45 35.32 -17.43
O3 GOL G . 13.54 34.46 -17.72
C1 GOL H . 16.32 -11.23 -8.87
O1 GOL H . 16.11 -12.40 -9.65
C2 GOL H . 17.08 -10.17 -9.76
O2 GOL H . 16.19 -9.67 -10.78
C3 GOL H . 17.51 -8.97 -8.85
O3 GOL H . 17.97 -7.94 -9.71
C1 GOL I . -3.08 -24.63 3.01
O1 GOL I . -4.31 -25.12 2.51
C2 GOL I . -3.25 -23.19 3.51
O2 GOL I . -4.60 -22.85 3.58
C3 GOL I . -2.49 -22.18 2.66
O3 GOL I . -1.96 -22.75 1.48
N SAM J . -0.47 22.04 -5.90
CA SAM J . -0.19 21.99 -4.44
C SAM J . -1.19 21.06 -3.78
O SAM J . -2.27 20.78 -4.38
OXT SAM J . -0.99 20.56 -2.66
CB SAM J . -0.30 23.39 -3.84
CG SAM J . 0.95 23.73 -3.00
SD SAM J . 0.56 24.33 -1.30
CE SAM J . 2.12 23.99 -0.50
C5' SAM J . -0.52 23.11 -0.47
C4' SAM J . -1.93 23.64 -0.21
O4' SAM J . -2.59 23.93 -1.45
C3' SAM J . -2.78 22.54 0.44
O3' SAM J . -3.04 22.98 1.78
C2' SAM J . -4.07 22.52 -0.38
O2' SAM J . -5.24 22.51 0.47
C1' SAM J . -3.98 23.84 -1.13
N9 SAM J . -4.77 23.79 -2.38
C8 SAM J . -4.71 22.86 -3.33
N7 SAM J . -5.59 23.16 -4.30
C5 SAM J . -6.20 24.29 -3.95
C6 SAM J . -7.19 25.08 -4.54
N6 SAM J . -7.74 24.77 -5.70
N1 SAM J . -7.60 26.19 -3.90
C2 SAM J . -7.07 26.55 -2.74
N3 SAM J . -6.13 25.82 -2.15
C4 SAM J . -5.68 24.70 -2.73
C1 GOL K . -15.26 27.65 -0.40
O1 GOL K . -15.38 28.22 0.88
C2 GOL K . -15.50 28.68 -1.52
O2 GOL K . -16.88 28.99 -1.55
C3 GOL K . -14.72 29.97 -1.29
O3 GOL K . -13.33 29.77 -1.38
C1 GOL L . -24.70 30.74 -0.59
O1 GOL L . -24.86 29.38 -0.27
C2 GOL L . -23.94 30.90 -1.91
O2 GOL L . -22.56 30.64 -1.77
C3 GOL L . -24.53 29.93 -2.94
O3 GOL L . -25.72 30.47 -3.46
#